data_5JXS
#
_entry.id   5JXS
#
_cell.length_a   95.778
_cell.length_b   95.778
_cell.length_c   100.875
_cell.angle_alpha   90.00
_cell.angle_beta   90.00
_cell.angle_gamma   120.00
#
_symmetry.space_group_name_H-M   'P 32 2 1'
#
loop_
_entity.id
_entity.type
_entity.pdbx_description
1 polymer 'RNA dependent RNA polymerase'
2 polymer 'RNA Template'
3 polymer 'RNA Primer'
4 non-polymer 'MAGNESIUM ION'
5 water water
#
loop_
_entity_poly.entity_id
_entity_poly.type
_entity_poly.pdbx_seq_one_letter_code
_entity_poly.pdbx_strand_id
1 'polypeptide(L)'
;GLIVDTRDVEERVHVMRKTKLAPTVAHGVFNPEFGPAALSNKDPRLNEGVVLDEVIFSKHKGDTKMSAEDKALFRRCAAD
YASRLHSVLGTANAPLSIYEAIKGVDGLDAMEPDTAPGLPWALQGKRRGALIDFENGTVGPEVEAALKLMEKREYKFACQ
TFLKDEIRPMEKVRAGKTRIVDVLPVEHILYTRMMIGRFCAQMHSNNGPQIGSAVAANPDVDWQRFGTHFAQYRNVWDVD
YSAFDANHCSDAMNIMFEEVFRTEFGFHPNAEWILKTLVNTEHAYENKRITVEGGMPSGCSATSIINTILNNIYVLYALR
RHYEGVELDTYTMISYGDDIVVASDYDLDFEALKPHFKSLGQTITPADKSDKGFVLGHSITDVTFLKRHFHMDYGTGFYK
PVMASKTLEAILSFARRGTIQEKLISVAGLAVHSGPDEYRRLFEPFQGLFEIPSYRSLYLRWVNAVCGDAAAALEHHHHH
H
;
A
2 'polyribonucleotide' AUGGGCCC B
3 'polyribonucleotide' GGGCCC C
#
loop_
_chem_comp.id
_chem_comp.type
_chem_comp.name
_chem_comp.formula
A RNA linking ADENOSINE-5'-MONOPHOSPHATE 'C10 H14 N5 O7 P'
C RNA linking CYTIDINE-5'-MONOPHOSPHATE 'C9 H14 N3 O8 P'
G RNA linking GUANOSINE-5'-MONOPHOSPHATE 'C10 H14 N5 O8 P'
MG non-polymer 'MAGNESIUM ION' 'Mg 2'
U RNA linking URIDINE-5'-MONOPHOSPHATE 'C9 H13 N2 O9 P'
#
# COMPACT_ATOMS: atom_id res chain seq x y z
N GLY A 1 0.18 4.08 -16.41
CA GLY A 1 0.69 5.17 -17.22
C GLY A 1 0.84 4.81 -18.69
N LEU A 2 1.57 5.64 -19.44
CA LEU A 2 1.79 5.43 -20.87
C LEU A 2 3.27 5.19 -21.13
N ILE A 3 3.58 4.04 -21.71
CA ILE A 3 4.95 3.76 -22.13
C ILE A 3 5.23 4.55 -23.40
N VAL A 4 6.34 5.28 -23.41
CA VAL A 4 6.63 6.17 -24.54
C VAL A 4 7.87 5.78 -25.32
N ASP A 5 8.82 5.05 -24.74
CA ASP A 5 9.98 4.57 -25.49
C ASP A 5 10.62 3.42 -24.75
N THR A 6 10.58 2.23 -25.36
CA THR A 6 11.33 1.07 -24.88
C THR A 6 12.68 1.04 -25.58
N ARG A 7 13.76 1.04 -24.81
CA ARG A 7 15.11 1.17 -25.32
C ARG A 7 15.95 -0.03 -24.92
N ASP A 8 16.94 -0.36 -25.74
CA ASP A 8 17.85 -1.48 -25.52
C ASP A 8 19.26 -0.92 -25.35
N VAL A 9 19.73 -0.89 -24.09
CA VAL A 9 21.07 -0.41 -23.78
C VAL A 9 22.00 -1.61 -23.65
N GLU A 10 23.30 -1.36 -23.86
CA GLU A 10 24.27 -2.45 -23.80
C GLU A 10 24.41 -3.02 -22.40
N GLU A 11 24.37 -2.17 -21.37
CA GLU A 11 24.47 -2.65 -20.00
C GLU A 11 23.17 -3.32 -19.58
N ARG A 12 23.29 -4.32 -18.70
CA ARG A 12 22.14 -5.13 -18.31
C ARG A 12 22.14 -5.34 -16.81
N VAL A 13 20.96 -5.25 -16.20
CA VAL A 13 20.78 -5.33 -14.76
C VAL A 13 20.25 -6.72 -14.40
N HIS A 14 20.83 -7.33 -13.37
CA HIS A 14 20.43 -8.68 -12.98
C HIS A 14 19.15 -8.65 -12.14
N VAL A 15 18.33 -9.68 -12.33
CA VAL A 15 17.05 -9.79 -11.66
C VAL A 15 16.98 -11.14 -10.95
N MET A 16 16.44 -11.13 -9.72
CA MET A 16 16.35 -12.34 -8.92
C MET A 16 15.35 -13.31 -9.52
N ARG A 17 15.84 -14.48 -9.94
CA ARG A 17 14.99 -15.48 -10.58
C ARG A 17 15.07 -16.82 -9.86
N LYS A 18 14.86 -16.82 -8.54
CA LYS A 18 14.96 -18.05 -7.75
C LYS A 18 14.19 -17.82 -6.46
N THR A 19 13.05 -18.49 -6.31
CA THR A 19 12.21 -18.27 -5.15
C THR A 19 12.86 -18.84 -3.89
N LYS A 20 12.80 -18.08 -2.80
CA LYS A 20 13.22 -18.57 -1.50
C LYS A 20 12.10 -19.25 -0.75
N LEU A 21 10.89 -19.25 -1.30
CA LEU A 21 9.74 -19.88 -0.66
C LEU A 21 9.74 -21.37 -0.95
N ALA A 22 9.66 -22.17 0.11
CA ALA A 22 9.59 -23.61 0.02
C ALA A 22 8.35 -24.12 0.74
N PRO A 23 7.74 -25.21 0.26
CA PRO A 23 6.55 -25.74 0.93
C PRO A 23 6.88 -26.23 2.34
N THR A 24 5.88 -26.18 3.20
CA THR A 24 6.00 -26.65 4.57
C THR A 24 5.25 -27.97 4.73
N VAL A 25 5.29 -28.52 5.94
CA VAL A 25 4.52 -29.71 6.27
C VAL A 25 3.01 -29.49 6.07
N ALA A 26 2.55 -28.25 6.18
CA ALA A 26 1.12 -27.93 6.03
C ALA A 26 0.65 -27.94 4.58
N HIS A 27 1.55 -27.76 3.61
CA HIS A 27 1.13 -27.72 2.21
C HIS A 27 0.51 -29.05 1.78
N GLY A 28 1.09 -30.17 2.22
CA GLY A 28 0.54 -31.47 1.91
C GLY A 28 -0.85 -31.71 2.45
N VAL A 29 -1.25 -30.97 3.49
CA VAL A 29 -2.55 -31.14 4.11
C VAL A 29 -3.59 -30.18 3.54
N PHE A 30 -3.24 -28.89 3.45
CA PHE A 30 -4.22 -27.88 3.08
C PHE A 30 -4.48 -27.82 1.57
N ASN A 31 -3.51 -28.23 0.76
CA ASN A 31 -3.64 -28.23 -0.69
C ASN A 31 -4.16 -26.89 -1.25
N PRO A 32 -3.53 -25.77 -0.92
CA PRO A 32 -4.07 -24.48 -1.35
C PRO A 32 -3.76 -24.21 -2.81
N GLU A 33 -4.73 -23.60 -3.50
CA GLU A 33 -4.51 -23.15 -4.87
C GLU A 33 -3.74 -21.83 -4.87
N PHE A 34 -2.57 -21.88 -4.25
CA PHE A 34 -1.65 -20.76 -4.14
C PHE A 34 -0.24 -21.26 -4.42
N GLY A 35 0.65 -20.33 -4.73
CA GLY A 35 2.02 -20.69 -5.02
C GLY A 35 2.93 -19.51 -5.25
N PRO A 36 4.24 -19.76 -5.24
CA PRO A 36 5.20 -18.69 -5.49
C PRO A 36 5.02 -18.10 -6.89
N ALA A 37 5.19 -16.78 -6.98
CA ALA A 37 5.07 -16.11 -8.26
C ALA A 37 6.19 -16.54 -9.19
N ALA A 38 5.88 -16.57 -10.48
CA ALA A 38 6.87 -16.97 -11.49
C ALA A 38 7.94 -15.89 -11.60
N LEU A 39 9.18 -16.26 -11.30
CA LEU A 39 10.30 -15.33 -11.39
C LEU A 39 11.12 -15.53 -12.66
N SER A 40 11.21 -16.76 -13.17
CA SER A 40 11.95 -17.03 -14.38
C SER A 40 11.03 -16.99 -15.59
N ASN A 41 11.56 -16.54 -16.72
N ASN A 41 11.58 -16.55 -16.72
CA ASN A 41 10.79 -16.54 -17.96
CA ASN A 41 10.82 -16.54 -17.97
C ASN A 41 10.69 -17.93 -18.57
C ASN A 41 10.66 -17.94 -18.55
N LYS A 42 11.46 -18.90 -18.09
CA LYS A 42 11.38 -20.28 -18.52
C LYS A 42 10.84 -21.17 -17.41
N ASP A 43 9.87 -20.65 -16.65
CA ASP A 43 9.30 -21.40 -15.55
C ASP A 43 8.41 -22.51 -16.08
N PRO A 44 8.53 -23.74 -15.57
CA PRO A 44 7.64 -24.81 -16.03
C PRO A 44 6.16 -24.55 -15.79
N ARG A 45 5.82 -23.86 -14.70
CA ARG A 45 4.43 -23.71 -14.31
C ARG A 45 3.68 -22.67 -15.13
N LEU A 46 4.36 -21.89 -15.95
CA LEU A 46 3.70 -20.91 -16.81
C LEU A 46 2.87 -21.61 -17.88
N ASN A 47 1.74 -21.00 -18.23
CA ASN A 47 1.01 -21.45 -19.41
C ASN A 47 1.80 -21.08 -20.66
N GLU A 48 1.89 -22.03 -21.59
CA GLU A 48 2.73 -21.84 -22.77
C GLU A 48 2.26 -20.64 -23.58
N GLY A 49 3.21 -19.98 -24.25
CA GLY A 49 2.90 -18.79 -25.00
C GLY A 49 2.68 -17.57 -24.14
N VAL A 50 3.47 -17.41 -23.08
CA VAL A 50 3.35 -16.28 -22.16
C VAL A 50 4.76 -15.78 -21.87
N VAL A 51 5.07 -14.58 -22.35
CA VAL A 51 6.34 -13.94 -22.06
C VAL A 51 6.18 -13.14 -20.78
N LEU A 52 7.16 -13.25 -19.88
CA LEU A 52 7.05 -12.61 -18.58
C LEU A 52 7.18 -11.10 -18.68
N ASP A 53 8.10 -10.61 -19.51
CA ASP A 53 8.26 -9.16 -19.69
C ASP A 53 6.99 -8.55 -20.26
N GLU A 54 6.34 -9.26 -21.18
CA GLU A 54 5.11 -8.76 -21.78
C GLU A 54 4.01 -8.59 -20.74
N VAL A 55 3.80 -9.62 -19.91
CA VAL A 55 2.70 -9.60 -18.94
C VAL A 55 2.97 -8.57 -17.84
N ILE A 56 4.22 -8.39 -17.46
CA ILE A 56 4.57 -7.48 -16.35
C ILE A 56 4.12 -6.06 -16.65
N PHE A 57 4.54 -5.54 -17.80
CA PHE A 57 4.29 -4.14 -18.16
C PHE A 57 2.94 -3.93 -18.83
N SER A 58 2.06 -4.94 -18.82
CA SER A 58 0.72 -4.80 -19.37
C SER A 58 -0.19 -3.91 -18.51
N LYS A 59 0.23 -3.58 -17.29
CA LYS A 59 -0.58 -2.73 -16.42
C LYS A 59 -0.64 -1.28 -16.90
N HIS A 60 0.19 -0.89 -17.87
CA HIS A 60 0.24 0.47 -18.39
C HIS A 60 -0.65 0.53 -19.64
N LYS A 61 -1.92 0.90 -19.45
CA LYS A 61 -2.90 0.99 -20.52
C LYS A 61 -3.09 2.42 -21.00
N GLY A 62 -2.05 3.24 -20.92
CA GLY A 62 -2.12 4.64 -21.30
C GLY A 62 -2.21 5.55 -20.10
N ASP A 63 -2.23 6.85 -20.40
CA ASP A 63 -2.23 7.90 -19.39
C ASP A 63 -3.39 8.84 -19.70
N THR A 64 -4.47 8.73 -18.92
CA THR A 64 -5.69 9.49 -19.19
C THR A 64 -5.42 10.99 -19.10
N LYS A 65 -5.83 11.72 -20.14
CA LYS A 65 -5.74 13.17 -20.15
C LYS A 65 -7.10 13.77 -19.85
N MET A 66 -7.13 14.76 -18.98
CA MET A 66 -8.37 15.36 -18.49
C MET A 66 -8.64 16.70 -19.17
N SER A 67 -9.93 17.03 -19.28
CA SER A 67 -10.34 18.32 -19.77
C SER A 67 -10.11 19.39 -18.71
N ALA A 68 -10.19 20.65 -19.13
CA ALA A 68 -9.98 21.75 -18.20
C ALA A 68 -11.07 21.83 -17.14
N GLU A 69 -12.32 21.48 -17.50
CA GLU A 69 -13.38 21.46 -16.51
C GLU A 69 -13.19 20.31 -15.52
N ASP A 70 -12.76 19.15 -16.01
CA ASP A 70 -12.46 18.04 -15.11
C ASP A 70 -11.28 18.37 -14.20
N LYS A 71 -10.29 19.10 -14.72
CA LYS A 71 -9.14 19.47 -13.91
C LYS A 71 -9.50 20.54 -12.88
N ALA A 72 -10.39 21.46 -13.23
CA ALA A 72 -10.82 22.47 -12.29
C ALA A 72 -11.67 21.89 -11.16
N LEU A 73 -12.42 20.83 -11.46
CA LEU A 73 -13.16 20.14 -10.39
C LEU A 73 -12.21 19.35 -9.50
N PHE A 74 -11.25 18.64 -10.10
CA PHE A 74 -10.26 17.91 -9.31
C PHE A 74 -9.41 18.84 -8.47
N ARG A 75 -9.13 20.05 -8.98
CA ARG A 75 -8.36 21.02 -8.19
C ARG A 75 -9.16 21.54 -7.00
N ARG A 76 -10.48 21.67 -7.16
CA ARG A 76 -11.32 22.06 -6.02
C ARG A 76 -11.41 20.94 -5.00
N CYS A 77 -11.54 19.69 -5.47
CA CYS A 77 -11.61 18.56 -4.55
C CYS A 77 -10.29 18.35 -3.82
N ALA A 78 -9.17 18.58 -4.51
CA ALA A 78 -7.87 18.50 -3.85
C ALA A 78 -7.71 19.62 -2.83
N ALA A 79 -8.19 20.82 -3.14
CA ALA A 79 -8.07 21.94 -2.21
C ALA A 79 -9.01 21.76 -1.02
N ASP A 80 -10.20 21.20 -1.26
CA ASP A 80 -11.14 20.99 -0.15
C ASP A 80 -10.65 19.90 0.80
N TYR A 81 -10.16 18.78 0.26
CA TYR A 81 -9.63 17.72 1.12
C TYR A 81 -8.34 18.15 1.79
N ALA A 82 -7.50 18.95 1.12
CA ALA A 82 -6.28 19.43 1.74
C ALA A 82 -6.58 20.40 2.88
N SER A 83 -7.67 21.17 2.78
CA SER A 83 -8.06 22.04 3.88
C SER A 83 -8.42 21.23 5.12
N ARG A 84 -9.27 20.22 4.96
CA ARG A 84 -9.59 19.32 6.06
C ARG A 84 -8.34 18.64 6.60
N LEU A 85 -7.45 18.21 5.69
CA LEU A 85 -6.27 17.45 6.11
C LEU A 85 -5.36 18.31 6.99
N HIS A 86 -4.92 19.45 6.48
CA HIS A 86 -4.03 20.32 7.24
C HIS A 86 -4.71 20.96 8.44
N SER A 87 -6.04 20.93 8.51
CA SER A 87 -6.73 21.42 9.70
C SER A 87 -6.68 20.41 10.84
N VAL A 88 -6.69 19.12 10.53
CA VAL A 88 -6.56 18.10 11.56
C VAL A 88 -5.10 17.98 12.00
N LEU A 89 -4.17 17.95 11.04
CA LEU A 89 -2.77 17.72 11.34
C LEU A 89 -2.05 18.96 11.84
N GLY A 90 -2.56 20.16 11.53
CA GLY A 90 -1.80 21.37 11.73
C GLY A 90 -0.83 21.61 10.59
N THR A 91 -0.30 22.84 10.55
CA THR A 91 0.56 23.27 9.45
C THR A 91 2.04 23.24 9.83
N ALA A 92 2.45 22.29 10.66
CA ALA A 92 3.84 22.17 11.09
C ALA A 92 4.60 21.20 10.18
N ASN A 93 4.61 21.52 8.89
CA ASN A 93 5.21 20.67 7.86
C ASN A 93 6.48 21.28 7.30
N ALA A 94 7.30 21.87 8.17
CA ALA A 94 8.59 22.42 7.77
C ALA A 94 9.53 21.27 7.38
N PRO A 95 10.67 21.58 6.75
CA PRO A 95 11.61 20.51 6.37
C PRO A 95 12.12 19.68 7.55
N LEU A 96 12.90 18.66 7.22
CA LEU A 96 13.45 17.72 8.19
C LEU A 96 14.97 17.77 8.09
N SER A 97 15.65 17.73 9.24
CA SER A 97 17.10 17.68 9.21
C SER A 97 17.57 16.35 8.64
N ILE A 98 18.85 16.30 8.26
CA ILE A 98 19.35 15.20 7.45
C ILE A 98 19.23 13.87 8.20
N TYR A 99 19.57 13.87 9.50
CA TYR A 99 19.55 12.61 10.24
C TYR A 99 18.20 12.33 10.91
N GLU A 100 17.31 13.32 10.96
CA GLU A 100 15.92 13.01 11.31
C GLU A 100 15.29 12.12 10.24
N ALA A 101 15.58 12.38 8.97
CA ALA A 101 15.11 11.53 7.89
C ALA A 101 15.70 10.12 7.97
N ILE A 102 16.83 9.96 8.65
CA ILE A 102 17.46 8.65 8.78
C ILE A 102 16.99 7.93 10.03
N LYS A 103 16.98 8.61 11.17
CA LYS A 103 16.62 8.00 12.44
C LYS A 103 15.15 8.17 12.80
N GLY A 104 14.36 8.85 11.95
CA GLY A 104 12.94 8.96 12.16
C GLY A 104 12.58 9.97 13.24
N VAL A 105 11.27 10.12 13.44
CA VAL A 105 10.73 10.98 14.49
C VAL A 105 9.59 10.24 15.17
N ASP A 106 8.81 10.96 15.98
CA ASP A 106 7.65 10.35 16.64
C ASP A 106 6.56 10.12 15.61
N GLY A 107 6.37 8.86 15.22
CA GLY A 107 5.39 8.47 14.23
C GLY A 107 6.01 7.93 12.95
N LEU A 108 7.22 8.36 12.62
CA LEU A 108 7.92 7.91 11.43
C LEU A 108 9.12 7.05 11.83
N ASP A 109 9.20 5.85 11.27
CA ASP A 109 10.29 4.95 11.60
C ASP A 109 11.58 5.37 10.90
N ALA A 110 12.66 4.71 11.28
CA ALA A 110 13.96 4.96 10.66
C ALA A 110 14.06 4.21 9.33
N MET A 111 14.93 4.71 8.46
CA MET A 111 15.16 4.06 7.18
C MET A 111 15.82 2.70 7.39
N GLU A 112 15.58 1.80 6.44
CA GLU A 112 16.16 0.46 6.51
C GLU A 112 17.59 0.48 5.99
N PRO A 113 18.57 0.05 6.78
CA PRO A 113 19.98 0.17 6.36
C PRO A 113 20.38 -0.88 5.32
N ASP A 114 19.82 -2.08 5.42
CA ASP A 114 20.23 -3.17 4.54
C ASP A 114 19.15 -3.51 3.52
N THR A 115 18.76 -2.53 2.71
CA THR A 115 17.85 -2.76 1.59
C THR A 115 18.49 -2.18 0.33
N ALA A 116 17.96 -2.58 -0.82
CA ALA A 116 18.60 -2.29 -2.10
C ALA A 116 18.78 -0.79 -2.29
N PRO A 117 19.91 -0.33 -2.84
CA PRO A 117 20.18 1.11 -2.93
C PRO A 117 19.62 1.75 -4.18
N GLY A 118 19.35 0.95 -5.21
CA GLY A 118 18.85 1.47 -6.46
C GLY A 118 19.96 1.81 -7.43
N LEU A 119 19.62 2.69 -8.37
CA LEU A 119 20.55 3.13 -9.41
C LEU A 119 21.05 4.55 -9.13
N PRO A 120 22.28 4.88 -9.55
CA PRO A 120 23.22 4.02 -10.28
C PRO A 120 24.16 3.23 -9.36
N TRP A 121 23.77 3.05 -8.09
CA TRP A 121 24.68 2.44 -7.13
C TRP A 121 24.77 0.93 -7.31
N ALA A 122 23.65 0.27 -7.60
CA ALA A 122 23.65 -1.19 -7.71
C ALA A 122 24.54 -1.68 -8.84
N LEU A 123 24.70 -0.89 -9.91
CA LEU A 123 25.52 -1.27 -11.04
C LEU A 123 27.01 -1.23 -10.75
N GLN A 124 27.42 -0.75 -9.58
CA GLN A 124 28.82 -0.82 -9.15
C GLN A 124 29.12 -2.02 -8.29
N GLY A 125 28.10 -2.78 -7.88
CA GLY A 125 28.28 -3.80 -6.87
C GLY A 125 28.47 -3.14 -5.52
N LYS A 126 27.41 -2.50 -5.02
CA LYS A 126 27.52 -1.64 -3.84
C LYS A 126 26.32 -1.88 -2.94
N ARG A 127 26.59 -1.99 -1.64
CA ARG A 127 25.52 -2.06 -0.64
C ARG A 127 25.16 -0.65 -0.18
N ARG A 128 24.02 -0.55 0.52
CA ARG A 128 23.54 0.76 0.94
C ARG A 128 24.39 1.35 2.06
N GLY A 129 25.02 0.50 2.89
CA GLY A 129 25.82 0.99 3.99
C GLY A 129 27.08 1.72 3.57
N ALA A 130 27.51 1.56 2.32
CA ALA A 130 28.71 2.24 1.85
C ALA A 130 28.44 3.72 1.57
N LEU A 131 27.25 4.06 1.06
CA LEU A 131 26.90 5.44 0.77
C LEU A 131 26.40 6.19 1.99
N ILE A 132 25.53 5.58 2.78
CA ILE A 132 24.99 6.19 4.00
C ILE A 132 25.36 5.30 5.18
N ASP A 133 26.07 5.88 6.15
CA ASP A 133 26.30 5.22 7.42
C ASP A 133 25.09 5.46 8.32
N PHE A 134 24.41 4.39 8.71
CA PHE A 134 23.16 4.52 9.44
C PHE A 134 23.34 4.55 10.95
N GLU A 135 24.40 3.93 11.46
CA GLU A 135 24.65 3.95 12.90
C GLU A 135 24.72 5.39 13.42
N ASN A 136 25.55 6.22 12.80
CA ASN A 136 25.60 7.63 13.17
C ASN A 136 24.43 8.39 12.55
N GLY A 137 24.20 8.20 11.25
CA GLY A 137 23.16 8.92 10.56
C GLY A 137 23.69 10.06 9.73
N THR A 138 24.62 9.75 8.83
CA THR A 138 25.24 10.75 7.95
C THR A 138 25.43 10.12 6.58
N VAL A 139 25.56 10.97 5.57
CA VAL A 139 25.68 10.52 4.19
C VAL A 139 27.13 10.64 3.74
N GLY A 140 27.48 9.85 2.72
CA GLY A 140 28.82 9.84 2.19
C GLY A 140 28.95 10.69 0.94
N PRO A 141 30.14 10.67 0.33
CA PRO A 141 30.42 11.62 -0.76
C PRO A 141 29.44 11.58 -1.91
N GLU A 142 29.03 10.39 -2.36
CA GLU A 142 28.12 10.30 -3.49
C GLU A 142 26.79 11.00 -3.18
N VAL A 143 26.27 10.82 -1.97
CA VAL A 143 24.99 11.42 -1.62
C VAL A 143 25.15 12.91 -1.37
N GLU A 144 26.34 13.36 -0.97
CA GLU A 144 26.59 14.78 -0.73
C GLU A 144 26.19 15.61 -1.95
N ALA A 145 26.73 15.25 -3.13
CA ALA A 145 26.43 16.01 -4.33
C ALA A 145 24.96 15.87 -4.74
N ALA A 146 24.43 14.65 -4.68
CA ALA A 146 23.07 14.41 -5.15
C ALA A 146 22.05 15.21 -4.34
N LEU A 147 22.25 15.29 -3.02
CA LEU A 147 21.33 16.05 -2.16
C LEU A 147 21.19 17.48 -2.67
N LYS A 148 22.30 18.18 -2.85
CA LYS A 148 22.26 19.56 -3.33
C LYS A 148 22.03 19.63 -4.82
N LEU A 149 22.28 18.55 -5.56
CA LEU A 149 21.86 18.49 -6.96
C LEU A 149 20.34 18.43 -7.06
N MET A 150 19.68 17.88 -6.04
CA MET A 150 18.22 17.95 -5.97
C MET A 150 17.75 19.36 -5.62
N GLU A 151 18.51 20.06 -4.78
CA GLU A 151 18.18 21.44 -4.45
C GLU A 151 18.25 22.32 -5.69
N LYS A 152 19.28 22.14 -6.51
CA LYS A 152 19.36 22.83 -7.79
C LYS A 152 18.19 22.50 -8.71
N ARG A 153 17.52 21.37 -8.47
CA ARG A 153 16.45 20.84 -9.32
C ARG A 153 16.98 20.33 -10.65
N GLU A 154 18.21 19.80 -10.65
CA GLU A 154 18.82 19.17 -11.81
C GLU A 154 18.78 17.65 -11.74
N TYR A 155 18.21 17.08 -10.68
CA TYR A 155 18.43 15.68 -10.34
C TYR A 155 17.59 14.77 -11.23
N LYS A 156 18.26 13.97 -12.06
CA LYS A 156 17.64 12.92 -12.84
C LYS A 156 17.97 11.57 -12.21
N PHE A 157 17.11 10.58 -12.45
CA PHE A 157 17.31 9.25 -11.89
C PHE A 157 16.52 8.24 -12.70
N ALA A 158 16.57 6.99 -12.25
CA ALA A 158 15.84 5.89 -12.87
C ALA A 158 15.42 4.91 -11.79
N CYS A 159 14.32 4.20 -12.04
CA CYS A 159 13.77 3.24 -11.11
C CYS A 159 14.25 1.84 -11.47
N GLN A 160 14.74 1.10 -10.49
CA GLN A 160 15.18 -0.27 -10.71
C GLN A 160 14.02 -1.23 -10.50
N THR A 161 13.72 -2.03 -11.51
CA THR A 161 12.61 -2.97 -11.46
C THR A 161 13.04 -4.25 -10.77
N PHE A 162 12.16 -4.78 -9.93
CA PHE A 162 12.41 -6.01 -9.19
C PHE A 162 11.18 -6.91 -9.24
N LEU A 163 11.42 -8.22 -9.20
CA LEU A 163 10.34 -9.20 -9.13
C LEU A 163 10.03 -9.50 -7.68
N LYS A 164 8.74 -9.62 -7.37
CA LYS A 164 8.26 -9.78 -6.01
C LYS A 164 8.04 -11.26 -5.74
N ASP A 165 8.99 -11.87 -5.02
CA ASP A 165 8.93 -13.29 -4.66
C ASP A 165 7.93 -13.46 -3.52
N GLU A 166 6.66 -13.57 -3.89
CA GLU A 166 5.57 -13.69 -2.94
C GLU A 166 4.66 -14.85 -3.33
N ILE A 167 3.74 -15.19 -2.44
CA ILE A 167 2.73 -16.19 -2.71
C ILE A 167 1.56 -15.52 -3.43
N ARG A 168 1.10 -16.14 -4.50
CA ARG A 168 0.00 -15.64 -5.32
C ARG A 168 -0.97 -16.78 -5.61
N PRO A 169 -2.21 -16.44 -5.97
CA PRO A 169 -3.14 -17.50 -6.40
C PRO A 169 -2.67 -18.14 -7.70
N MET A 170 -2.89 -19.45 -7.81
CA MET A 170 -2.33 -20.22 -8.92
C MET A 170 -2.84 -19.74 -10.28
N GLU A 171 -3.99 -19.06 -10.33
CA GLU A 171 -4.44 -18.48 -11.60
C GLU A 171 -3.49 -17.36 -12.04
N LYS A 172 -3.07 -16.52 -11.11
CA LYS A 172 -2.12 -15.46 -11.44
C LYS A 172 -0.73 -16.01 -11.70
N VAL A 173 -0.38 -17.12 -11.05
CA VAL A 173 0.94 -17.71 -11.25
C VAL A 173 1.06 -18.31 -12.64
N ARG A 174 0.06 -19.10 -13.06
CA ARG A 174 0.08 -19.67 -14.40
C ARG A 174 -0.09 -18.60 -15.47
N ALA A 175 -0.83 -17.53 -15.18
CA ALA A 175 -0.93 -16.41 -16.09
C ALA A 175 0.35 -15.58 -16.16
N GLY A 176 1.26 -15.79 -15.21
CA GLY A 176 2.54 -15.11 -15.24
C GLY A 176 2.51 -13.65 -14.87
N LYS A 177 1.44 -13.18 -14.23
CA LYS A 177 1.37 -11.79 -13.79
C LYS A 177 2.00 -11.66 -12.40
N THR A 178 3.32 -11.85 -12.39
CA THR A 178 4.09 -11.58 -11.19
C THR A 178 4.16 -10.08 -10.94
N ARG A 179 4.02 -9.67 -9.69
CA ARG A 179 4.05 -8.26 -9.35
C ARG A 179 5.48 -7.76 -9.25
N ILE A 180 5.67 -6.48 -9.58
CA ILE A 180 7.00 -5.89 -9.67
C ILE A 180 7.14 -4.78 -8.65
N VAL A 181 8.37 -4.30 -8.50
CA VAL A 181 8.73 -3.34 -7.47
C VAL A 181 9.65 -2.31 -8.10
N ASP A 182 9.24 -1.05 -8.08
CA ASP A 182 10.03 0.05 -8.65
C ASP A 182 10.92 0.62 -7.56
N VAL A 183 12.17 0.16 -7.53
CA VAL A 183 13.11 0.58 -6.49
C VAL A 183 13.76 1.91 -6.89
N LEU A 184 13.49 2.95 -6.11
CA LEU A 184 14.07 4.26 -6.37
C LEU A 184 15.45 4.37 -5.72
N PRO A 185 16.27 5.32 -6.18
CA PRO A 185 17.57 5.53 -5.53
C PRO A 185 17.41 5.99 -4.09
N VAL A 186 18.35 5.56 -3.25
CA VAL A 186 18.27 5.81 -1.81
C VAL A 186 18.30 7.30 -1.50
N GLU A 187 19.04 8.09 -2.28
CA GLU A 187 19.09 9.53 -2.02
C GLU A 187 17.75 10.20 -2.31
N HIS A 188 16.97 9.65 -3.24
CA HIS A 188 15.64 10.17 -3.49
C HIS A 188 14.71 9.91 -2.31
N ILE A 189 14.83 8.73 -1.69
CA ILE A 189 14.04 8.40 -0.52
C ILE A 189 14.43 9.28 0.67
N LEU A 190 15.73 9.57 0.80
CA LEU A 190 16.20 10.45 1.87
C LEU A 190 15.63 11.86 1.69
N TYR A 191 15.69 12.38 0.46
CA TYR A 191 15.28 13.76 0.23
C TYR A 191 13.76 13.92 0.33
N THR A 192 13.00 12.90 -0.07
CA THR A 192 11.55 12.97 0.06
C THR A 192 11.14 13.06 1.53
N ARG A 193 11.79 12.28 2.39
CA ARG A 193 11.48 12.32 3.82
C ARG A 193 11.85 13.67 4.43
N MET A 194 12.86 14.35 3.88
CA MET A 194 13.19 15.69 4.38
C MET A 194 12.06 16.66 4.09
N MET A 195 11.46 16.56 2.90
CA MET A 195 10.44 17.53 2.49
C MET A 195 9.10 17.27 3.16
N ILE A 196 8.66 16.02 3.22
CA ILE A 196 7.31 15.69 3.65
C ILE A 196 7.30 14.71 4.84
N GLY A 197 8.45 14.54 5.50
CA GLY A 197 8.50 13.57 6.59
C GLY A 197 7.66 13.97 7.79
N ARG A 198 7.71 15.25 8.18
CA ARG A 198 6.90 15.70 9.31
C ARG A 198 5.41 15.61 9.01
N PHE A 199 5.02 15.80 7.74
CA PHE A 199 3.64 15.59 7.35
C PHE A 199 3.25 14.12 7.47
N CYS A 200 4.14 13.21 7.05
CA CYS A 200 3.85 11.78 7.14
C CYS A 200 3.72 11.33 8.58
N ALA A 201 4.62 11.79 9.45
CA ALA A 201 4.55 11.40 10.86
C ALA A 201 3.25 11.88 11.50
N GLN A 202 2.78 13.06 11.12
CA GLN A 202 1.54 13.57 11.67
C GLN A 202 0.33 12.81 11.14
N MET A 203 0.40 12.32 9.89
CA MET A 203 -0.67 11.46 9.38
C MET A 203 -0.67 10.11 10.09
N HIS A 204 0.51 9.52 10.28
CA HIS A 204 0.62 8.23 10.94
C HIS A 204 -0.10 8.24 12.29
N SER A 205 0.15 9.26 13.11
CA SER A 205 -0.42 9.32 14.45
C SER A 205 -1.88 9.75 14.46
N ASN A 206 -2.37 10.36 13.38
CA ASN A 206 -3.74 10.86 13.32
C ASN A 206 -4.63 10.03 12.38
N ASN A 207 -4.30 8.76 12.19
CA ASN A 207 -5.07 7.92 11.28
C ASN A 207 -6.48 7.70 11.81
N GLY A 208 -7.40 7.49 10.88
CA GLY A 208 -8.80 7.30 11.21
C GLY A 208 -9.72 7.86 10.16
N PRO A 209 -11.03 7.79 10.41
CA PRO A 209 -11.99 8.30 9.43
C PRO A 209 -11.91 9.80 9.21
N GLN A 210 -11.45 10.56 10.21
CA GLN A 210 -11.47 12.02 10.10
C GLN A 210 -10.60 12.51 8.95
N ILE A 211 -9.44 11.90 8.75
CA ILE A 211 -8.58 12.22 7.61
C ILE A 211 -8.71 11.21 6.49
N GLY A 212 -9.50 10.17 6.68
CA GLY A 212 -9.70 9.17 5.64
C GLY A 212 -8.46 8.32 5.36
N SER A 213 -7.72 7.97 6.40
CA SER A 213 -6.48 7.22 6.25
C SER A 213 -6.37 6.17 7.35
N ALA A 214 -5.87 5.00 6.98
CA ALA A 214 -5.58 3.94 7.93
C ALA A 214 -4.10 3.58 7.98
N VAL A 215 -3.25 4.37 7.32
CA VAL A 215 -1.82 4.12 7.39
C VAL A 215 -1.36 4.24 8.83
N ALA A 216 -0.49 3.31 9.25
CA ALA A 216 0.06 3.24 10.60
C ALA A 216 -0.98 2.80 11.64
N ALA A 217 -1.98 2.05 11.21
CA ALA A 217 -2.99 1.53 12.12
C ALA A 217 -2.68 0.09 12.50
N ASN A 218 -3.04 -0.26 13.74
CA ASN A 218 -2.86 -1.62 14.26
C ASN A 218 -4.21 -2.31 14.32
N PRO A 219 -4.51 -3.24 13.41
CA PRO A 219 -5.86 -3.80 13.35
C PRO A 219 -6.34 -4.45 14.65
N ASP A 220 -5.42 -4.98 15.45
CA ASP A 220 -5.86 -5.64 16.69
C ASP A 220 -6.55 -4.67 17.63
N VAL A 221 -6.16 -3.39 17.62
CA VAL A 221 -6.70 -2.44 18.58
C VAL A 221 -7.59 -1.45 17.85
N ASP A 222 -7.29 -1.19 16.58
CA ASP A 222 -7.95 -0.13 15.85
C ASP A 222 -9.28 -0.57 15.25
N TRP A 223 -9.66 -1.83 15.38
CA TRP A 223 -10.87 -2.29 14.71
C TRP A 223 -12.12 -2.17 15.56
N GLN A 224 -11.97 -2.08 16.88
CA GLN A 224 -13.07 -1.57 17.69
C GLN A 224 -13.36 -0.12 17.37
N ARG A 225 -12.32 0.66 17.05
CA ARG A 225 -12.51 2.07 16.68
C ARG A 225 -13.17 2.20 15.31
N PHE A 226 -12.60 1.54 14.30
CA PHE A 226 -13.14 1.65 12.95
C PHE A 226 -14.50 0.95 12.83
N GLY A 227 -14.65 -0.20 13.47
CA GLY A 227 -15.90 -0.95 13.34
C GLY A 227 -17.11 -0.20 13.86
N THR A 228 -16.98 0.42 15.04
CA THR A 228 -18.10 1.16 15.61
C THR A 228 -18.45 2.38 14.78
N HIS A 229 -17.47 2.98 14.10
CA HIS A 229 -17.74 4.16 13.28
C HIS A 229 -18.59 3.80 12.07
N PHE A 230 -18.18 2.78 11.31
CA PHE A 230 -18.90 2.41 10.10
C PHE A 230 -20.18 1.64 10.38
N ALA A 231 -20.33 1.06 11.57
CA ALA A 231 -21.59 0.43 11.95
C ALA A 231 -22.69 1.44 12.21
N GLN A 232 -22.38 2.74 12.13
CA GLN A 232 -23.31 3.81 12.41
C GLN A 232 -23.99 4.35 11.16
N TYR A 233 -23.62 3.85 9.98
CA TYR A 233 -24.10 4.37 8.71
C TYR A 233 -24.98 3.33 8.01
N ARG A 234 -25.93 3.84 7.22
CA ARG A 234 -26.93 2.96 6.62
C ARG A 234 -26.33 2.08 5.53
N ASN A 235 -25.58 2.68 4.61
CA ASN A 235 -24.98 1.96 3.48
C ASN A 235 -23.47 1.94 3.62
N VAL A 236 -22.87 0.78 3.33
CA VAL A 236 -21.43 0.59 3.37
C VAL A 236 -21.01 -0.09 2.06
N TRP A 237 -19.87 0.33 1.50
CA TRP A 237 -19.40 -0.19 0.23
C TRP A 237 -17.95 -0.64 0.35
N ASP A 238 -17.65 -1.77 -0.29
CA ASP A 238 -16.30 -2.32 -0.37
C ASP A 238 -15.87 -2.24 -1.83
N VAL A 239 -15.21 -1.14 -2.18
CA VAL A 239 -14.82 -0.85 -3.55
C VAL A 239 -13.44 -1.42 -3.83
N ASP A 240 -13.26 -1.96 -5.03
CA ASP A 240 -11.98 -2.50 -5.47
C ASP A 240 -11.55 -1.80 -6.76
N TYR A 241 -10.27 -1.41 -6.80
CA TYR A 241 -9.66 -0.87 -8.00
C TYR A 241 -8.87 -1.96 -8.71
N SER A 242 -8.54 -1.70 -9.97
CA SER A 242 -7.65 -2.55 -10.76
C SER A 242 -6.46 -1.71 -11.19
N ALA A 243 -5.27 -2.06 -10.70
CA ALA A 243 -4.04 -1.32 -10.96
C ALA A 243 -4.18 0.15 -10.56
N PHE A 244 -4.53 0.33 -9.28
CA PHE A 244 -4.78 1.67 -8.75
C PHE A 244 -3.55 2.56 -8.90
N ASP A 245 -2.36 2.02 -8.64
CA ASP A 245 -1.16 2.84 -8.66
C ASP A 245 -0.73 3.18 -10.08
N ALA A 246 -0.82 2.21 -11.00
CA ALA A 246 -0.34 2.44 -12.35
C ALA A 246 -1.23 3.39 -13.14
N ASN A 247 -2.50 3.55 -12.73
CA ASN A 247 -3.47 4.30 -13.51
C ASN A 247 -3.67 5.73 -13.02
N HIS A 248 -2.90 6.18 -12.03
CA HIS A 248 -2.94 7.59 -11.65
C HIS A 248 -2.50 8.45 -12.82
N CYS A 249 -3.42 9.23 -13.38
CA CYS A 249 -3.09 10.01 -14.56
C CYS A 249 -2.23 11.22 -14.19
N SER A 250 -1.43 11.66 -15.16
CA SER A 250 -0.47 12.74 -14.92
C SER A 250 -1.15 13.97 -14.34
N ASP A 251 -2.33 14.32 -14.86
CA ASP A 251 -3.00 15.53 -14.41
C ASP A 251 -3.47 15.41 -12.96
N ALA A 252 -3.97 14.23 -12.58
CA ALA A 252 -4.44 14.05 -11.21
C ALA A 252 -3.27 14.09 -10.22
N MET A 253 -2.13 13.51 -10.59
CA MET A 253 -0.96 13.55 -9.72
C MET A 253 -0.41 14.96 -9.59
N ASN A 254 -0.24 15.66 -10.72
CA ASN A 254 0.33 17.00 -10.70
C ASN A 254 -0.57 17.97 -9.92
N ILE A 255 -1.89 17.89 -10.13
CA ILE A 255 -2.80 18.80 -9.44
C ILE A 255 -2.84 18.49 -7.95
N MET A 256 -2.75 17.21 -7.57
CA MET A 256 -2.77 16.86 -6.15
C MET A 256 -1.55 17.40 -5.43
N PHE A 257 -0.37 17.36 -6.07
CA PHE A 257 0.83 17.90 -5.45
C PHE A 257 0.75 19.41 -5.29
N GLU A 258 0.24 20.10 -6.32
CA GLU A 258 0.16 21.56 -6.29
C GLU A 258 -0.81 22.06 -5.21
N GLU A 259 -1.76 21.25 -4.78
CA GLU A 259 -2.77 21.69 -3.83
C GLU A 259 -2.54 21.19 -2.40
N VAL A 260 -1.94 20.02 -2.23
CA VAL A 260 -1.78 19.45 -0.89
C VAL A 260 -0.47 19.91 -0.25
N PHE A 261 0.60 20.07 -1.03
CA PHE A 261 1.89 20.40 -0.46
C PHE A 261 2.30 21.83 -0.80
N ARG A 262 1.41 22.78 -0.57
CA ARG A 262 1.73 24.18 -0.82
C ARG A 262 2.62 24.74 0.28
N THR A 263 3.48 25.68 -0.09
CA THR A 263 4.29 26.38 0.90
C THR A 263 3.42 27.19 1.86
N GLU A 264 2.17 27.48 1.49
CA GLU A 264 1.23 28.08 2.42
C GLU A 264 1.11 27.24 3.69
N PHE A 265 0.99 25.93 3.53
CA PHE A 265 0.78 25.02 4.65
C PHE A 265 2.07 24.68 5.39
N GLY A 266 3.22 25.16 4.92
CA GLY A 266 4.47 25.02 5.64
C GLY A 266 5.55 24.22 4.92
N PHE A 267 5.26 23.62 3.76
CA PHE A 267 6.25 22.80 3.09
C PHE A 267 7.31 23.67 2.42
N HIS A 268 8.43 23.03 2.08
CA HIS A 268 9.50 23.66 1.32
C HIS A 268 9.14 23.68 -0.16
N PRO A 269 9.67 24.65 -0.92
CA PRO A 269 9.40 24.68 -2.37
C PRO A 269 9.66 23.37 -3.08
N ASN A 270 10.66 22.59 -2.65
CA ASN A 270 10.98 21.34 -3.31
C ASN A 270 10.08 20.18 -2.90
N ALA A 271 9.10 20.41 -2.02
CA ALA A 271 8.14 19.37 -1.72
C ALA A 271 7.26 19.09 -2.94
N GLU A 272 6.71 20.14 -3.55
CA GLU A 272 5.97 19.98 -4.79
C GLU A 272 6.88 19.44 -5.90
N TRP A 273 8.14 19.85 -5.91
CA TRP A 273 9.04 19.48 -7.00
C TRP A 273 9.43 18.00 -6.93
N ILE A 274 9.87 17.54 -5.77
CA ILE A 274 10.37 16.17 -5.66
C ILE A 274 9.25 15.17 -5.91
N LEU A 275 8.01 15.49 -5.53
CA LEU A 275 6.90 14.58 -5.82
C LEU A 275 6.57 14.55 -7.30
N LYS A 276 6.75 15.66 -8.01
CA LYS A 276 6.45 15.70 -9.43
C LYS A 276 7.45 14.90 -10.27
N THR A 277 8.62 14.59 -9.72
CA THR A 277 9.56 13.73 -10.43
C THR A 277 9.02 12.33 -10.61
N LEU A 278 8.06 11.91 -9.78
CA LEU A 278 7.49 10.57 -9.87
C LEU A 278 6.56 10.42 -11.07
N VAL A 279 6.12 11.51 -11.69
CA VAL A 279 5.16 11.42 -12.78
C VAL A 279 5.80 10.74 -13.98
N ASN A 280 6.84 11.35 -14.55
CA ASN A 280 7.54 10.81 -15.70
C ASN A 280 8.79 10.10 -15.20
N THR A 281 8.73 8.77 -15.12
CA THR A 281 9.82 7.96 -14.61
C THR A 281 10.47 7.16 -15.74
N GLU A 282 11.75 6.86 -15.56
CA GLU A 282 12.46 5.90 -16.38
C GLU A 282 12.68 4.64 -15.56
N HIS A 283 12.48 3.49 -16.20
CA HIS A 283 12.59 2.21 -15.52
C HIS A 283 13.59 1.32 -16.24
N ALA A 284 14.47 0.68 -15.48
CA ALA A 284 15.48 -0.22 -16.01
C ALA A 284 15.11 -1.65 -15.67
N TYR A 285 15.11 -2.53 -16.68
CA TYR A 285 14.77 -3.94 -16.52
C TYR A 285 15.66 -4.73 -17.46
N GLU A 286 16.83 -5.15 -16.96
CA GLU A 286 17.80 -5.95 -17.72
C GLU A 286 18.19 -5.17 -18.97
N ASN A 287 18.07 -5.74 -20.16
CA ASN A 287 18.41 -5.04 -21.39
C ASN A 287 17.53 -3.82 -21.60
N LYS A 288 16.29 -3.88 -21.15
CA LYS A 288 15.31 -2.85 -21.48
C LYS A 288 15.51 -1.60 -20.62
N ARG A 289 15.08 -0.47 -21.17
CA ARG A 289 14.99 0.80 -20.43
C ARG A 289 13.74 1.50 -20.91
N ILE A 290 12.79 1.70 -20.00
CA ILE A 290 11.42 2.09 -20.35
C ILE A 290 11.11 3.44 -19.73
N THR A 291 10.72 4.40 -20.56
CA THR A 291 10.25 5.70 -20.09
C THR A 291 8.73 5.68 -19.99
N VAL A 292 8.21 6.08 -18.83
CA VAL A 292 6.77 6.02 -18.55
C VAL A 292 6.30 7.40 -18.11
N GLU A 293 5.06 7.73 -18.48
CA GLU A 293 4.40 8.95 -18.05
C GLU A 293 3.12 8.59 -17.30
N GLY A 294 3.00 9.08 -16.08
CA GLY A 294 1.88 8.74 -15.23
C GLY A 294 2.13 7.49 -14.40
N GLY A 295 1.30 7.31 -13.38
CA GLY A 295 1.41 6.17 -12.49
C GLY A 295 2.37 6.44 -11.35
N MET A 296 2.20 5.66 -10.27
CA MET A 296 3.00 5.80 -9.07
C MET A 296 3.99 4.66 -8.96
N PRO A 297 5.28 4.95 -8.74
CA PRO A 297 6.26 3.88 -8.53
C PRO A 297 6.00 3.18 -7.21
N SER A 298 5.77 1.86 -7.28
CA SER A 298 5.48 1.05 -6.10
C SER A 298 6.79 0.70 -5.41
N GLY A 299 7.33 1.68 -4.70
CA GLY A 299 8.60 1.50 -3.99
C GLY A 299 9.34 2.79 -3.75
N CYS A 300 8.62 3.84 -3.35
CA CYS A 300 9.20 5.15 -3.09
C CYS A 300 8.67 5.68 -1.77
N SER A 301 9.33 6.72 -1.27
CA SER A 301 8.93 7.32 0.00
C SER A 301 7.50 7.85 -0.09
N ALA A 302 6.72 7.57 0.97
CA ALA A 302 5.34 8.05 1.10
C ALA A 302 4.45 7.56 -0.02
N THR A 303 4.74 6.38 -0.59
CA THR A 303 3.91 5.87 -1.68
C THR A 303 2.54 5.43 -1.17
N SER A 304 2.45 5.00 0.09
CA SER A 304 1.15 4.64 0.66
C SER A 304 0.33 5.87 1.01
N ILE A 305 0.99 6.95 1.46
CA ILE A 305 0.27 8.17 1.82
C ILE A 305 -0.20 8.91 0.58
N ILE A 306 0.65 8.97 -0.46
CA ILE A 306 0.24 9.59 -1.71
C ILE A 306 -0.94 8.84 -2.32
N ASN A 307 -0.88 7.51 -2.31
CA ASN A 307 -2.00 6.72 -2.82
C ASN A 307 -3.24 6.89 -1.96
N THR A 308 -3.06 6.96 -0.64
CA THR A 308 -4.20 7.18 0.24
C THR A 308 -4.84 8.54 0.01
N ILE A 309 -4.02 9.57 -0.23
CA ILE A 309 -4.54 10.91 -0.48
C ILE A 309 -5.32 10.93 -1.79
N LEU A 310 -4.74 10.37 -2.86
CA LEU A 310 -5.44 10.31 -4.14
C LEU A 310 -6.77 9.57 -4.01
N ASN A 311 -6.77 8.46 -3.26
CA ASN A 311 -7.99 7.69 -3.08
C ASN A 311 -9.10 8.54 -2.45
N ASN A 312 -8.75 9.34 -1.44
CA ASN A 312 -9.73 10.23 -0.84
C ASN A 312 -10.24 11.27 -1.83
N ILE A 313 -9.34 11.78 -2.68
CA ILE A 313 -9.74 12.81 -3.63
C ILE A 313 -10.60 12.22 -4.75
N TYR A 314 -10.35 10.97 -5.13
CA TYR A 314 -11.13 10.35 -6.21
C TYR A 314 -12.60 10.23 -5.82
N VAL A 315 -12.89 9.92 -4.55
CA VAL A 315 -14.26 9.77 -4.12
C VAL A 315 -14.98 11.11 -4.11
N LEU A 316 -14.31 12.16 -3.65
CA LEU A 316 -14.92 13.48 -3.65
C LEU A 316 -15.12 14.00 -5.08
N TYR A 317 -14.17 13.72 -5.96
CA TYR A 317 -14.29 14.15 -7.36
C TYR A 317 -15.44 13.44 -8.05
N ALA A 318 -15.54 12.12 -7.88
CA ALA A 318 -16.55 11.35 -8.58
C ALA A 318 -17.95 11.71 -8.12
N LEU A 319 -18.15 11.90 -6.81
CA LEU A 319 -19.47 12.23 -6.30
C LEU A 319 -19.94 13.59 -6.78
N ARG A 320 -19.05 14.60 -6.74
CA ARG A 320 -19.39 15.94 -7.20
C ARG A 320 -19.64 16.01 -8.71
N ARG A 321 -19.01 15.11 -9.50
CA ARG A 321 -19.24 15.07 -10.94
C ARG A 321 -20.61 14.50 -11.31
N HIS A 322 -21.20 13.68 -10.45
CA HIS A 322 -22.49 13.04 -10.69
C HIS A 322 -23.63 13.71 -9.92
N TYR A 323 -23.42 14.02 -8.65
CA TYR A 323 -24.44 14.68 -7.82
C TYR A 323 -24.12 16.17 -7.67
N GLU A 324 -25.09 16.90 -7.14
CA GLU A 324 -24.93 18.31 -6.80
C GLU A 324 -25.11 18.48 -5.30
N GLY A 325 -24.36 19.44 -4.74
CA GLY A 325 -24.41 19.68 -3.30
C GLY A 325 -23.79 18.56 -2.50
N VAL A 326 -22.53 18.24 -2.79
CA VAL A 326 -21.81 17.16 -2.14
C VAL A 326 -20.57 17.73 -1.47
N GLU A 327 -20.36 17.38 -0.20
CA GLU A 327 -19.20 17.80 0.56
C GLU A 327 -18.63 16.60 1.29
N LEU A 328 -17.50 16.81 1.98
CA LEU A 328 -16.90 15.79 2.81
C LEU A 328 -17.84 15.29 3.90
N ASP A 329 -18.80 16.11 4.32
CA ASP A 329 -19.81 15.70 5.30
C ASP A 329 -20.79 14.68 4.74
N THR A 330 -20.96 14.63 3.41
CA THR A 330 -21.95 13.74 2.81
C THR A 330 -21.64 12.28 3.11
N TYR A 331 -20.36 11.91 3.20
CA TYR A 331 -19.95 10.52 3.30
C TYR A 331 -18.79 10.42 4.27
N THR A 332 -18.45 9.17 4.62
CA THR A 332 -17.26 8.86 5.38
C THR A 332 -16.51 7.73 4.70
N MET A 333 -15.20 7.70 4.90
CA MET A 333 -14.37 6.66 4.29
C MET A 333 -13.06 6.55 5.04
N ILE A 334 -12.36 5.45 4.78
CA ILE A 334 -11.00 5.24 5.24
C ILE A 334 -10.31 4.36 4.22
N SER A 335 -9.05 4.67 3.93
CA SER A 335 -8.32 3.95 2.90
C SER A 335 -6.88 3.73 3.33
N TYR A 336 -6.25 2.73 2.69
CA TYR A 336 -4.86 2.36 2.92
C TYR A 336 -4.29 2.03 1.54
N GLY A 337 -3.88 3.06 0.82
CA GLY A 337 -3.48 2.89 -0.57
C GLY A 337 -4.68 2.67 -1.46
N ASP A 338 -4.75 1.52 -2.12
CA ASP A 338 -5.91 1.20 -2.95
C ASP A 338 -7.08 0.67 -2.13
N ASP A 339 -6.79 -0.04 -1.03
CA ASP A 339 -7.84 -0.59 -0.19
C ASP A 339 -8.66 0.54 0.43
N ILE A 340 -9.99 0.40 0.38
CA ILE A 340 -10.88 1.49 0.75
C ILE A 340 -12.19 0.91 1.25
N VAL A 341 -12.77 1.59 2.25
CA VAL A 341 -14.14 1.36 2.70
C VAL A 341 -14.85 2.70 2.71
N VAL A 342 -16.05 2.74 2.14
CA VAL A 342 -16.86 3.96 2.09
C VAL A 342 -18.19 3.68 2.78
N ALA A 343 -18.80 4.74 3.31
CA ALA A 343 -20.11 4.62 3.95
C ALA A 343 -20.80 5.97 3.91
N SER A 344 -22.13 5.94 3.95
CA SER A 344 -22.95 7.14 3.95
C SER A 344 -24.37 6.75 4.34
N ASP A 345 -25.06 7.69 4.99
CA ASP A 345 -26.49 7.52 5.24
C ASP A 345 -27.33 7.79 3.99
N TYR A 346 -26.77 8.47 3.00
CA TYR A 346 -27.44 8.67 1.73
C TYR A 346 -27.37 7.41 0.88
N ASP A 347 -28.30 7.32 -0.08
CA ASP A 347 -28.37 6.17 -0.98
C ASP A 347 -27.59 6.49 -2.25
N LEU A 348 -26.27 6.42 -2.13
CA LEU A 348 -25.38 6.74 -3.24
C LEU A 348 -25.33 5.59 -4.24
N ASP A 349 -25.51 5.91 -5.52
CA ASP A 349 -25.49 4.92 -6.59
C ASP A 349 -24.06 4.84 -7.12
N PHE A 350 -23.32 3.81 -6.71
CA PHE A 350 -21.94 3.66 -7.13
C PHE A 350 -21.81 3.09 -8.54
N GLU A 351 -22.81 2.37 -9.03
CA GLU A 351 -22.82 1.97 -10.43
C GLU A 351 -22.78 3.19 -11.34
N ALA A 352 -23.48 4.26 -10.95
CA ALA A 352 -23.49 5.48 -11.74
C ALA A 352 -22.17 6.23 -11.68
N LEU A 353 -21.35 5.98 -10.66
CA LEU A 353 -20.07 6.66 -10.50
C LEU A 353 -18.93 6.03 -11.28
N LYS A 354 -19.12 4.80 -11.78
CA LYS A 354 -18.08 4.13 -12.56
C LYS A 354 -17.49 4.97 -13.68
N PRO A 355 -18.28 5.59 -14.57
CA PRO A 355 -17.66 6.40 -15.63
C PRO A 355 -16.97 7.66 -15.10
N HIS A 356 -17.48 8.26 -14.03
CA HIS A 356 -16.81 9.43 -13.45
C HIS A 356 -15.43 9.08 -12.90
N PHE A 357 -15.30 7.86 -12.35
CA PHE A 357 -13.96 7.36 -12.01
C PHE A 357 -13.14 7.09 -13.27
N LYS A 358 -13.78 6.60 -14.34
CA LYS A 358 -13.07 6.30 -15.57
C LYS A 358 -12.43 7.54 -16.18
N SER A 359 -12.98 8.73 -15.92
CA SER A 359 -12.34 9.96 -16.40
C SER A 359 -11.00 10.22 -15.72
N LEU A 360 -10.77 9.62 -14.56
CA LEU A 360 -9.46 9.65 -13.91
C LEU A 360 -8.56 8.50 -14.34
N GLY A 361 -9.08 7.55 -15.11
CA GLY A 361 -8.33 6.38 -15.51
C GLY A 361 -8.49 5.19 -14.58
N GLN A 362 -9.38 5.26 -13.60
CA GLN A 362 -9.56 4.20 -12.61
C GLN A 362 -10.87 3.48 -12.84
N THR A 363 -10.86 2.16 -12.59
CA THR A 363 -12.02 1.30 -12.79
C THR A 363 -12.40 0.69 -11.45
N ILE A 364 -13.59 1.02 -10.97
CA ILE A 364 -14.06 0.54 -9.67
C ILE A 364 -14.94 -0.68 -9.88
N THR A 365 -15.02 -1.52 -8.84
CA THR A 365 -15.68 -2.82 -8.93
C THR A 365 -16.14 -3.23 -7.55
N PRO A 366 -17.33 -3.84 -7.42
CA PRO A 366 -17.75 -4.35 -6.11
C PRO A 366 -16.88 -5.53 -5.68
N ALA A 367 -16.35 -5.45 -4.45
CA ALA A 367 -15.50 -6.52 -3.94
C ALA A 367 -16.26 -7.84 -3.84
N ASP A 368 -17.54 -7.78 -3.47
CA ASP A 368 -18.40 -8.96 -3.49
C ASP A 368 -18.83 -9.16 -4.94
N LYS A 369 -18.09 -10.00 -5.66
CA LYS A 369 -18.27 -10.14 -7.10
C LYS A 369 -19.65 -10.68 -7.48
N SER A 370 -20.35 -11.32 -6.54
CA SER A 370 -21.70 -11.78 -6.80
C SER A 370 -22.60 -10.62 -7.21
N ASP A 371 -23.52 -10.88 -8.14
CA ASP A 371 -24.43 -9.89 -8.73
C ASP A 371 -23.69 -8.92 -9.63
N LYS A 372 -22.40 -8.68 -9.37
CA LYS A 372 -21.56 -7.80 -10.17
C LYS A 372 -22.13 -6.39 -10.23
N GLY A 373 -22.40 -5.83 -9.04
CA GLY A 373 -22.94 -4.49 -8.96
C GLY A 373 -22.88 -3.96 -7.54
N PHE A 374 -22.86 -2.65 -7.42
CA PHE A 374 -22.85 -1.99 -6.12
C PHE A 374 -24.28 -1.89 -5.61
N VAL A 375 -24.65 -2.78 -4.69
CA VAL A 375 -25.98 -2.76 -4.09
C VAL A 375 -25.94 -1.86 -2.87
N LEU A 376 -27.10 -1.63 -2.27
CA LEU A 376 -27.23 -0.80 -1.07
C LEU A 376 -27.54 -1.68 0.14
N GLY A 377 -27.43 -1.06 1.32
CA GLY A 377 -27.81 -1.68 2.57
C GLY A 377 -26.77 -2.58 3.20
N HIS A 378 -25.56 -2.66 2.65
CA HIS A 378 -24.52 -3.48 3.27
C HIS A 378 -24.02 -2.81 4.55
N SER A 379 -23.57 -3.65 5.48
CA SER A 379 -23.05 -3.19 6.76
C SER A 379 -21.55 -3.46 6.83
N ILE A 380 -20.96 -3.07 7.96
CA ILE A 380 -19.51 -3.24 8.13
C ILE A 380 -19.14 -4.71 8.29
N THR A 381 -20.08 -5.53 8.79
CA THR A 381 -19.83 -6.95 8.95
C THR A 381 -19.90 -7.73 7.65
N ASP A 382 -20.09 -7.04 6.52
CA ASP A 382 -20.03 -7.65 5.19
C ASP A 382 -18.68 -7.44 4.52
N VAL A 383 -18.06 -6.28 4.74
CA VAL A 383 -16.94 -5.83 3.92
C VAL A 383 -15.61 -6.35 4.44
N THR A 384 -14.57 -6.20 3.63
CA THR A 384 -13.21 -6.62 3.96
C THR A 384 -12.27 -5.42 3.82
N PHE A 385 -11.35 -5.28 4.76
CA PHE A 385 -10.37 -4.21 4.75
C PHE A 385 -9.04 -4.76 5.26
N LEU A 386 -7.98 -4.56 4.48
CA LEU A 386 -6.65 -5.09 4.80
C LEU A 386 -6.70 -6.61 4.97
N LYS A 387 -7.46 -7.28 4.11
CA LYS A 387 -7.60 -8.74 4.11
C LYS A 387 -8.22 -9.25 5.41
N ARG A 388 -9.06 -8.46 6.06
CA ARG A 388 -9.64 -8.86 7.34
C ARG A 388 -11.10 -8.44 7.39
N HIS A 389 -11.93 -9.29 8.00
CA HIS A 389 -13.36 -9.01 8.17
C HIS A 389 -13.62 -8.40 9.54
N PHE A 390 -14.72 -7.65 9.64
CA PHE A 390 -15.15 -7.05 10.90
C PHE A 390 -16.17 -7.98 11.54
N HIS A 391 -15.70 -8.84 12.43
CA HIS A 391 -16.56 -9.70 13.23
C HIS A 391 -16.47 -9.28 14.69
N MET A 392 -17.60 -9.38 15.39
CA MET A 392 -17.67 -9.01 16.79
C MET A 392 -17.32 -10.22 17.66
N ASP A 393 -16.36 -10.02 18.57
CA ASP A 393 -15.93 -11.09 19.45
C ASP A 393 -17.08 -11.52 20.37
N TYR A 394 -17.34 -12.83 20.41
CA TYR A 394 -18.47 -13.33 21.19
C TYR A 394 -18.27 -13.14 22.68
N GLY A 395 -17.02 -13.10 23.14
CA GLY A 395 -16.74 -13.00 24.56
C GLY A 395 -16.84 -11.60 25.12
N THR A 396 -16.28 -10.62 24.41
CA THR A 396 -16.21 -9.25 24.91
C THR A 396 -16.95 -8.24 24.03
N GLY A 397 -17.58 -8.67 22.94
CA GLY A 397 -18.33 -7.76 22.10
C GLY A 397 -17.51 -6.74 21.34
N PHE A 398 -16.18 -6.91 21.27
CA PHE A 398 -15.34 -6.01 20.50
C PHE A 398 -15.17 -6.53 19.07
N TYR A 399 -15.04 -5.59 18.13
CA TYR A 399 -14.69 -5.96 16.76
C TYR A 399 -13.27 -6.51 16.72
N LYS A 400 -13.08 -7.57 15.94
CA LYS A 400 -11.78 -8.20 15.81
C LYS A 400 -11.49 -8.48 14.35
N PRO A 401 -10.22 -8.41 13.95
CA PRO A 401 -9.85 -8.67 12.55
C PRO A 401 -9.72 -10.15 12.26
N VAL A 402 -10.61 -10.67 11.42
CA VAL A 402 -10.67 -12.08 11.10
C VAL A 402 -10.25 -12.27 9.65
N MET A 403 -9.30 -13.16 9.41
CA MET A 403 -8.87 -13.51 8.07
C MET A 403 -9.50 -14.85 7.66
N ALA A 404 -9.74 -14.99 6.36
CA ALA A 404 -10.32 -16.22 5.85
C ALA A 404 -9.37 -17.39 6.07
N SER A 405 -9.96 -18.57 6.36
CA SER A 405 -9.15 -19.73 6.70
C SER A 405 -8.29 -20.17 5.52
N LYS A 406 -8.79 -20.06 4.29
CA LYS A 406 -7.98 -20.42 3.14
C LYS A 406 -6.84 -19.43 2.88
N THR A 407 -6.98 -18.18 3.32
CA THR A 407 -5.84 -17.26 3.28
C THR A 407 -4.76 -17.69 4.27
N LEU A 408 -5.16 -18.11 5.47
CA LEU A 408 -4.21 -18.56 6.47
C LEU A 408 -3.56 -19.87 6.07
N GLU A 409 -4.28 -20.73 5.34
CA GLU A 409 -3.69 -21.98 4.87
C GLU A 409 -2.60 -21.71 3.83
N ALA A 410 -2.81 -20.72 2.95
CA ALA A 410 -1.80 -20.36 1.97
C ALA A 410 -0.56 -19.80 2.66
N ILE A 411 -0.76 -18.92 3.64
CA ILE A 411 0.35 -18.34 4.38
C ILE A 411 1.15 -19.43 5.09
N LEU A 412 0.46 -20.37 5.74
CA LEU A 412 1.13 -21.41 6.50
C LEU A 412 1.74 -22.50 5.63
N SER A 413 1.37 -22.59 4.35
CA SER A 413 1.84 -23.67 3.49
C SER A 413 3.23 -23.41 2.91
N PHE A 414 3.76 -22.21 3.03
CA PHE A 414 5.07 -21.88 2.47
C PHE A 414 5.87 -21.09 3.49
N ALA A 415 7.20 -21.20 3.40
CA ALA A 415 8.10 -20.51 4.32
C ALA A 415 9.51 -20.59 3.75
N ARG A 416 10.35 -19.63 4.16
CA ARG A 416 11.72 -19.60 3.72
C ARG A 416 12.57 -20.56 4.57
N ARG A 417 13.85 -20.66 4.22
CA ARG A 417 14.75 -21.61 4.87
C ARG A 417 14.91 -21.31 6.36
N GLY A 418 14.28 -22.13 7.19
CA GLY A 418 14.47 -22.03 8.63
C GLY A 418 13.82 -20.85 9.32
N THR A 419 12.91 -20.13 8.64
CA THR A 419 12.15 -19.07 9.26
C THR A 419 10.78 -19.53 9.73
N ILE A 420 10.60 -20.86 9.88
CA ILE A 420 9.27 -21.41 10.12
C ILE A 420 8.80 -21.10 11.53
N GLN A 421 9.65 -21.34 12.53
CA GLN A 421 9.22 -21.28 13.92
C GLN A 421 8.67 -19.90 14.28
N GLU A 422 9.41 -18.85 13.93
CA GLU A 422 8.92 -17.50 14.23
C GLU A 422 7.84 -17.04 13.26
N LYS A 423 7.76 -17.64 12.08
CA LYS A 423 6.59 -17.39 11.23
C LYS A 423 5.33 -17.98 11.85
N LEU A 424 5.45 -19.14 12.50
CA LEU A 424 4.31 -19.71 13.21
C LEU A 424 3.88 -18.83 14.38
N ILE A 425 4.85 -18.22 15.06
CA ILE A 425 4.52 -17.28 16.14
C ILE A 425 3.77 -16.08 15.57
N SER A 426 4.33 -15.47 14.52
CA SER A 426 3.73 -14.26 13.95
C SER A 426 2.34 -14.54 13.38
N VAL A 427 2.18 -15.66 12.67
CA VAL A 427 0.89 -15.97 12.05
C VAL A 427 -0.15 -16.32 13.11
N ALA A 428 0.28 -16.90 14.23
CA ALA A 428 -0.68 -17.28 15.28
C ALA A 428 -1.41 -16.07 15.83
N GLY A 429 -0.73 -14.92 15.91
CA GLY A 429 -1.39 -13.69 16.30
C GLY A 429 -2.46 -13.23 15.34
N LEU A 430 -2.39 -13.68 14.09
CA LEU A 430 -3.45 -13.45 13.11
C LEU A 430 -4.53 -14.52 13.17
N ALA A 431 -4.14 -15.76 13.42
CA ALA A 431 -5.08 -16.89 13.42
C ALA A 431 -5.96 -16.93 14.66
N VAL A 432 -5.59 -16.22 15.72
CA VAL A 432 -6.33 -16.31 16.98
C VAL A 432 -7.78 -15.85 16.80
N HIS A 433 -8.03 -14.91 15.91
CA HIS A 433 -9.36 -14.35 15.74
C HIS A 433 -10.28 -15.26 14.92
N SER A 434 -9.78 -16.35 14.37
CA SER A 434 -10.61 -17.31 13.65
C SER A 434 -11.32 -18.28 14.60
N GLY A 435 -11.10 -18.17 15.90
CA GLY A 435 -11.77 -19.03 16.86
C GLY A 435 -10.90 -20.18 17.31
N PRO A 436 -11.28 -20.81 18.43
CA PRO A 436 -10.44 -21.89 18.98
C PRO A 436 -10.41 -23.13 18.11
N ASP A 437 -11.55 -23.53 17.54
CA ASP A 437 -11.58 -24.71 16.68
C ASP A 437 -10.71 -24.50 15.44
N GLU A 438 -10.90 -23.37 14.76
CA GLU A 438 -10.14 -23.10 13.55
C GLU A 438 -8.66 -22.87 13.86
N TYR A 439 -8.33 -22.33 15.03
CA TYR A 439 -6.94 -22.09 15.39
C TYR A 439 -6.19 -23.42 15.57
N ARG A 440 -6.79 -24.35 16.32
CA ARG A 440 -6.17 -25.66 16.50
C ARG A 440 -6.03 -26.41 15.18
N ARG A 441 -6.98 -26.22 14.26
CA ARG A 441 -6.93 -26.92 12.98
C ARG A 441 -5.82 -26.36 12.09
N LEU A 442 -5.62 -25.04 12.11
CA LEU A 442 -4.62 -24.43 11.24
C LEU A 442 -3.20 -24.83 11.62
N PHE A 443 -2.97 -25.13 12.90
CA PHE A 443 -1.64 -25.49 13.38
C PHE A 443 -1.51 -26.99 13.68
N GLU A 444 -2.52 -27.78 13.39
CA GLU A 444 -2.43 -29.23 13.59
C GLU A 444 -1.26 -29.87 12.85
N PRO A 445 -0.93 -29.51 11.61
CA PRO A 445 0.23 -30.14 10.96
C PRO A 445 1.55 -29.93 11.70
N PHE A 446 1.67 -28.86 12.47
CA PHE A 446 2.96 -28.48 13.05
C PHE A 446 3.22 -29.04 14.44
N GLN A 447 2.18 -29.34 15.21
CA GLN A 447 2.40 -29.72 16.61
C GLN A 447 3.11 -31.06 16.69
N GLY A 448 3.98 -31.19 17.69
CA GLY A 448 4.94 -32.26 17.75
C GLY A 448 6.26 -31.95 17.08
N LEU A 449 6.30 -30.92 16.24
CA LEU A 449 7.51 -30.50 15.54
C LEU A 449 7.97 -29.11 15.97
N PHE A 450 7.06 -28.13 16.02
CA PHE A 450 7.38 -26.77 16.39
C PHE A 450 6.61 -26.39 17.65
N GLU A 451 6.99 -25.25 18.22
CA GLU A 451 6.25 -24.68 19.34
C GLU A 451 5.07 -23.86 18.81
N ILE A 452 3.89 -24.13 19.34
CA ILE A 452 2.67 -23.42 18.95
C ILE A 452 2.15 -22.70 20.19
N PRO A 453 2.00 -21.37 20.16
CA PRO A 453 1.40 -20.67 21.30
C PRO A 453 -0.03 -21.14 21.53
N SER A 454 -0.45 -21.11 22.79
CA SER A 454 -1.81 -21.50 23.12
C SER A 454 -2.79 -20.43 22.67
N TYR A 455 -4.01 -20.87 22.35
CA TYR A 455 -5.09 -19.92 22.08
C TYR A 455 -5.36 -19.04 23.28
N ARG A 456 -5.18 -19.60 24.49
CA ARG A 456 -5.41 -18.84 25.71
C ARG A 456 -4.42 -17.69 25.84
N SER A 457 -3.15 -17.95 25.58
CA SER A 457 -2.13 -16.91 25.75
C SER A 457 -2.32 -15.76 24.76
N LEU A 458 -2.71 -16.07 23.52
CA LEU A 458 -2.86 -15.04 22.52
C LEU A 458 -4.17 -14.27 22.66
N TYR A 459 -5.23 -14.95 23.12
CA TYR A 459 -6.49 -14.24 23.33
C TYR A 459 -6.40 -13.25 24.47
N LEU A 460 -5.69 -13.62 25.55
CA LEU A 460 -5.51 -12.70 26.67
C LEU A 460 -4.67 -11.49 26.28
N ARG A 461 -3.64 -11.71 25.44
CA ARG A 461 -2.82 -10.58 25.00
C ARG A 461 -3.62 -9.61 24.15
N TRP A 462 -4.55 -10.13 23.34
CA TRP A 462 -5.36 -9.26 22.50
C TRP A 462 -6.36 -8.45 23.33
N VAL A 463 -6.93 -9.07 24.37
CA VAL A 463 -7.89 -8.38 25.22
C VAL A 463 -7.23 -7.19 25.90
N ASN A 464 -6.00 -7.36 26.36
CA ASN A 464 -5.29 -6.25 27.01
C ASN A 464 -4.87 -5.19 25.99
N ALA A 465 -4.64 -5.58 24.74
CA ALA A 465 -4.20 -4.62 23.73
C ALA A 465 -5.34 -3.70 23.30
N VAL A 466 -6.50 -4.29 22.98
CA VAL A 466 -7.63 -3.48 22.52
C VAL A 466 -8.09 -2.52 23.61
N CYS A 467 -8.03 -2.95 24.87
CA CYS A 467 -8.37 -2.08 25.98
C CYS A 467 -7.87 -2.75 27.25
N GLY A 468 -6.87 -2.14 27.88
CA GLY A 468 -6.36 -2.69 29.13
C GLY A 468 -7.40 -2.75 30.24
N ASP A 469 -8.39 -1.86 30.19
CA ASP A 469 -9.49 -1.91 31.16
C ASP A 469 -10.34 -3.16 30.97
N ALA A 470 -10.51 -3.62 29.73
CA ALA A 470 -11.29 -4.84 29.48
C ALA A 470 -10.67 -6.05 30.18
N ALA A 471 -9.34 -6.10 30.23
CA ALA A 471 -8.67 -7.16 30.97
C ALA A 471 -8.89 -6.99 32.48
N ALA A 472 -8.80 -5.75 32.97
CA ALA A 472 -8.95 -5.51 34.40
C ALA A 472 -10.38 -5.72 34.86
N ALA A 473 -11.36 -5.26 34.06
CA ALA A 473 -12.76 -5.40 34.45
C ALA A 473 -13.16 -6.86 34.54
N LEU A 474 -12.66 -7.70 33.62
CA LEU A 474 -12.95 -9.13 33.65
C LEU A 474 -12.34 -9.82 34.87
N GLU A 475 -11.45 -9.16 35.60
CA GLU A 475 -10.82 -9.72 36.78
C GLU A 475 -11.62 -9.44 38.05
N HIS A 476 -12.26 -8.27 38.13
CA HIS A 476 -13.04 -7.89 39.31
C HIS A 476 -14.32 -8.71 39.43
MG MG D . -11.10 -3.06 -1.05
#